data_5J3H
#
_entry.id   5J3H
#
_cell.length_a   176.776
_cell.length_b   176.776
_cell.length_c   86.186
_cell.angle_alpha   90.00
_cell.angle_beta   90.00
_cell.angle_gamma   90.00
#
_symmetry.space_group_name_H-M   'P 41 21 2'
#
loop_
_entity.id
_entity.type
_entity.pdbx_description
1 polymer 'Peptide S519C16'
2 polymer 'mAb 83-7 Fab heavy chain'
3 polymer 'mAb 83-7 Fab light chain'
4 polymer 'Insulin receptor'
5 branched 2-acetamido-2-deoxy-beta-D-glucopyranose-(1-4)-[alpha-L-fucopyranose-(1-6)]2-acetamido-2-deoxy-beta-D-glucopyranose
6 branched 2-acetamido-2-deoxy-beta-D-glucopyranose-(1-4)-2-acetamido-2-deoxy-beta-D-glucopyranose
7 branched 2-acetamido-2-deoxy-beta-D-glucopyranose-(1-2)-alpha-D-mannopyranose-(1-3)-[alpha-D-mannopyranose-(1-6)]beta-D-mannopyranose-(1-4)-2-acetamido-2-deoxy-beta-D-glucopyranose-(1-4)-[alpha-L-fucopyranose-(1-6)]2-acetamido-2-deoxy-beta-D-glucopyranose
8 non-polymer 2-acetamido-2-deoxy-beta-D-glucopyranose
#
loop_
_entity_poly.entity_id
_entity_poly.type
_entity_poly.pdbx_seq_one_letter_code
_entity_poly.pdbx_strand_id
1 'polypeptide(L)' GSLDESFYDWFERQLG B
2 'polypeptide(L)'
;QVQLKESGPGLVAPSQSLSITCTVSGFPLTAYGVNWVRQPPGKGLEWLGMIWGDGNTDYNSALKSRLSISKDNSKSQVFL
KMNSLQTDDTARYYCARDPYGSKPMDYWGQGTSVTVSSSLVPR
;
C
3 'polypeptide(L)'
;DIVMSQSPSSLVVSVGEKVTMSCKSSQSLLYSSNQKNFLAWYQQKPGQSPKLLIYWASTRESGVPDRFTGSGSGTDFTLT
ISSVKAEDLAVYYCQQYFRYRTFGGGTKLEIKSSDYKD
;
D
4 'polypeptide(L)'
;HLYPGEVCPGMDIRNNLTRLHELENCSVIEGHLQILLMFKTRPEDFRDLSFPKLIMITDYLLLFRVYGLESLKDLFPNLT
VIRGSRLFFNYALVIFEMVHLKELGLYNLMNITRGSVRIEKNNELCYLATIDWSRILDSVEDNHIVLNKDDNEECGDICP
GTAKGKTNCPATVINGQFVERCWTHSHCQKVCPTICKSHGCTAEGLCCHSECLGNCSQPDDPTKCVACRNFYLDGRCVET
CPPPYYHFQDWRCVNFSFCQDLHHKCKNSRRQGCHQYVIHNNKCIPECPSGYTMNSSNLLCTPCLGPCPKSSSLVPR
;
E
#
# COMPACT_ATOMS: atom_id res chain seq x y z
N SER A 2 17.56 20.66 -27.59
CA SER A 2 17.97 19.26 -27.40
C SER A 2 17.98 18.87 -25.93
N LEU A 3 17.79 17.58 -25.65
CA LEU A 3 17.82 17.00 -24.29
C LEU A 3 19.25 17.01 -23.75
N ASP A 4 20.25 16.61 -24.57
CA ASP A 4 21.68 16.58 -24.22
C ASP A 4 22.22 18.00 -24.02
N GLU A 5 21.71 18.95 -24.81
CA GLU A 5 22.00 20.38 -24.67
C GLU A 5 21.44 20.78 -23.29
N SER A 6 20.09 20.66 -23.13
CA SER A 6 19.36 20.94 -21.90
C SER A 6 20.16 20.38 -20.73
N PHE A 7 20.53 19.08 -20.80
CA PHE A 7 21.30 18.31 -19.82
C PHE A 7 22.64 18.97 -19.44
N TYR A 8 23.58 19.03 -20.41
CA TYR A 8 24.91 19.59 -20.22
C TYR A 8 24.89 21.04 -19.76
N ASP A 9 23.94 21.85 -20.29
CA ASP A 9 23.76 23.26 -19.97
C ASP A 9 23.41 23.46 -18.49
N TRP A 10 22.63 22.51 -17.87
CA TRP A 10 22.30 22.61 -16.46
C TRP A 10 23.56 22.50 -15.64
N PHE A 11 24.46 21.53 -15.96
CA PHE A 11 25.73 21.36 -15.24
C PHE A 11 26.66 22.58 -15.43
N GLU A 12 26.62 23.16 -16.64
CA GLU A 12 27.36 24.37 -16.97
C GLU A 12 26.82 25.54 -16.09
N ARG A 13 25.47 25.77 -16.00
CA ARG A 13 24.87 26.84 -15.16
C ARG A 13 25.44 26.78 -13.75
N GLN A 14 25.84 25.58 -13.31
CA GLN A 14 26.43 25.31 -11.99
C GLN A 14 27.96 25.59 -11.96
N LEU A 15 28.48 26.41 -12.88
CA LEU A 15 29.92 26.75 -12.97
C LEU A 15 30.18 28.07 -13.74
N GLN B 1 -3.18 -18.11 12.10
CA GLN B 1 -2.33 -17.10 12.75
C GLN B 1 -3.10 -15.80 13.11
N VAL B 2 -3.82 -15.16 12.14
CA VAL B 2 -4.70 -14.00 12.42
C VAL B 2 -5.93 -14.48 13.21
N GLN B 3 -6.18 -13.87 14.36
CA GLN B 3 -7.32 -14.23 15.22
C GLN B 3 -7.96 -13.02 15.83
N LEU B 4 -9.27 -13.11 16.04
CA LEU B 4 -10.08 -12.08 16.70
C LEU B 4 -11.09 -12.81 17.56
N LYS B 5 -11.30 -12.35 18.78
CA LYS B 5 -12.25 -13.02 19.64
C LYS B 5 -12.96 -12.00 20.50
N GLU B 6 -14.29 -12.11 20.57
CA GLU B 6 -15.13 -11.20 21.34
C GLU B 6 -15.39 -11.76 22.73
N SER B 7 -15.36 -10.91 23.77
CA SER B 7 -15.71 -11.28 25.15
C SER B 7 -16.85 -10.35 25.52
N GLY B 8 -18.06 -10.89 25.50
CA GLY B 8 -19.29 -10.17 25.79
C GLY B 8 -19.95 -10.66 27.06
N PRO B 9 -20.95 -9.92 27.60
CA PRO B 9 -21.55 -10.31 28.88
C PRO B 9 -22.65 -11.36 28.83
N GLY B 10 -23.10 -11.69 27.62
CA GLY B 10 -24.17 -12.66 27.42
C GLY B 10 -25.55 -12.08 27.66
N LEU B 11 -25.77 -11.50 28.85
CA LEU B 11 -27.05 -10.90 29.23
C LEU B 11 -26.95 -9.43 29.63
N VAL B 12 -27.91 -8.62 29.19
CA VAL B 12 -27.97 -7.17 29.48
C VAL B 12 -29.41 -6.89 29.88
N ALA B 13 -29.64 -6.16 30.97
CA ALA B 13 -30.98 -5.77 31.38
C ALA B 13 -31.43 -4.60 30.51
N PRO B 14 -32.72 -4.53 30.12
CA PRO B 14 -33.18 -3.39 29.29
C PRO B 14 -32.78 -2.08 29.94
N SER B 15 -32.32 -1.12 29.14
CA SER B 15 -31.85 0.20 29.54
C SER B 15 -30.41 0.25 30.03
N GLN B 16 -29.75 -0.92 30.19
CA GLN B 16 -28.35 -0.95 30.60
C GLN B 16 -27.44 -0.89 29.39
N SER B 17 -26.15 -0.68 29.60
CA SER B 17 -25.17 -0.61 28.52
C SER B 17 -24.52 -1.98 28.21
N LEU B 18 -23.99 -2.10 27.00
CA LEU B 18 -23.29 -3.28 26.54
C LEU B 18 -21.80 -2.94 26.35
N SER B 19 -20.91 -3.74 26.94
CA SER B 19 -19.46 -3.60 26.79
C SER B 19 -18.90 -4.91 26.25
N ILE B 20 -18.10 -4.83 25.17
CA ILE B 20 -17.49 -6.02 24.57
C ILE B 20 -16.04 -5.75 24.26
N THR B 21 -15.18 -6.71 24.56
CA THR B 21 -13.78 -6.57 24.24
C THR B 21 -13.43 -7.53 23.14
N CYS B 22 -12.79 -7.04 22.09
CA CYS B 22 -12.31 -7.87 21.01
C CYS B 22 -10.80 -7.98 21.20
N THR B 23 -10.30 -9.19 21.44
CA THR B 23 -8.86 -9.40 21.64
C THR B 23 -8.35 -9.95 20.33
N VAL B 24 -7.31 -9.33 19.75
CA VAL B 24 -6.80 -9.84 18.48
C VAL B 24 -5.37 -10.37 18.60
N SER B 25 -4.94 -11.15 17.62
CA SER B 25 -3.55 -11.61 17.55
C SER B 25 -3.14 -11.92 16.13
N GLY B 26 -1.85 -11.82 15.86
CA GLY B 26 -1.35 -12.16 14.54
C GLY B 26 -1.22 -11.02 13.56
N PHE B 27 -1.53 -9.82 14.00
CA PHE B 27 -1.40 -8.61 13.20
C PHE B 27 -1.40 -7.45 14.17
N PRO B 28 -0.91 -6.26 13.76
CA PRO B 28 -0.92 -5.11 14.67
C PRO B 28 -2.15 -4.23 14.48
N LEU B 29 -2.82 -3.84 15.59
CA LEU B 29 -3.97 -2.95 15.50
C LEU B 29 -3.57 -1.56 14.97
N THR B 30 -2.25 -1.27 14.92
CA THR B 30 -1.78 0.02 14.45
C THR B 30 -1.93 0.09 12.93
N ALA B 31 -1.85 -1.07 12.24
CA ALA B 31 -1.91 -1.16 10.77
C ALA B 31 -3.24 -1.65 10.20
N TYR B 32 -4.19 -2.09 11.05
CA TYR B 32 -5.45 -2.62 10.55
C TYR B 32 -6.64 -2.02 11.23
N GLY B 33 -7.76 -2.03 10.54
CA GLY B 33 -8.98 -1.49 11.09
C GLY B 33 -9.76 -2.62 11.70
N VAL B 34 -10.68 -2.32 12.65
CA VAL B 34 -11.51 -3.36 13.24
C VAL B 34 -12.93 -2.81 13.29
N ASN B 35 -13.87 -3.56 12.72
CA ASN B 35 -15.28 -3.16 12.71
C ASN B 35 -16.07 -4.00 13.65
N TRP B 36 -17.30 -3.55 13.93
CA TRP B 36 -18.27 -4.28 14.72
C TRP B 36 -19.50 -4.36 13.91
N VAL B 37 -19.99 -5.58 13.79
CA VAL B 37 -21.16 -5.94 13.02
C VAL B 37 -22.04 -6.75 13.92
N ARG B 38 -23.35 -6.56 13.83
CA ARG B 38 -24.24 -7.38 14.62
C ARG B 38 -25.28 -8.07 13.72
N GLN B 39 -25.81 -9.18 14.22
CA GLN B 39 -26.79 -9.94 13.49
C GLN B 39 -27.90 -10.37 14.43
N PRO B 40 -29.10 -9.73 14.36
CA PRO B 40 -30.23 -10.21 15.16
C PRO B 40 -30.52 -11.66 14.76
N PRO B 41 -30.97 -12.52 15.69
CA PRO B 41 -31.21 -13.92 15.36
C PRO B 41 -31.97 -14.09 14.05
N GLY B 42 -31.34 -14.82 13.12
CA GLY B 42 -31.87 -15.14 11.79
C GLY B 42 -32.12 -13.95 10.89
N LYS B 43 -31.52 -12.84 11.20
CA LYS B 43 -31.67 -11.65 10.37
C LYS B 43 -30.34 -11.26 9.76
N GLY B 44 -30.32 -10.18 9.02
CA GLY B 44 -29.12 -9.78 8.31
C GLY B 44 -28.01 -9.19 9.12
N LEU B 45 -27.04 -8.62 8.40
CA LEU B 45 -25.91 -7.99 9.03
C LEU B 45 -26.10 -6.50 9.10
N GLU B 46 -25.82 -5.95 10.26
CA GLU B 46 -25.90 -4.53 10.45
C GLU B 46 -24.54 -4.04 10.87
N TRP B 47 -23.97 -3.16 10.06
CA TRP B 47 -22.67 -2.62 10.37
C TRP B 47 -22.87 -1.57 11.45
N LEU B 48 -22.06 -1.63 12.51
CA LEU B 48 -22.18 -0.72 13.62
C LEU B 48 -21.21 0.43 13.58
N GLY B 49 -19.95 0.12 13.30
CA GLY B 49 -18.88 1.12 13.26
C GLY B 49 -17.52 0.46 13.06
N MET B 50 -16.45 1.27 13.07
CA MET B 50 -15.08 0.75 12.92
C MET B 50 -14.08 1.72 13.50
N ILE B 51 -12.92 1.17 13.85
CA ILE B 51 -11.81 1.95 14.36
C ILE B 51 -10.58 1.66 13.48
N TRP B 52 -10.08 2.74 12.87
CA TRP B 52 -8.94 2.75 11.95
C TRP B 52 -7.65 2.54 12.72
N GLY B 53 -6.57 2.26 12.00
CA GLY B 53 -5.26 2.08 12.63
C GLY B 53 -4.85 3.26 13.48
N ASP B 54 -5.13 4.47 13.00
CA ASP B 54 -4.83 5.70 13.69
C ASP B 54 -5.77 6.03 14.89
N GLY B 55 -6.74 5.17 15.17
CA GLY B 55 -7.68 5.37 16.27
C GLY B 55 -8.90 6.21 15.95
N ASN B 56 -8.98 6.77 14.70
CA ASN B 56 -10.14 7.56 14.27
C ASN B 56 -11.28 6.54 14.15
N THR B 57 -12.52 7.00 14.34
CA THR B 57 -13.68 6.09 14.26
C THR B 57 -14.74 6.58 13.30
N ASP B 58 -15.56 5.62 12.84
CA ASP B 58 -16.71 5.88 12.01
C ASP B 58 -17.82 5.08 12.60
N TYR B 59 -18.99 5.71 12.80
CA TYR B 59 -20.15 5.04 13.39
C TYR B 59 -21.32 5.02 12.43
N ASN B 60 -22.20 4.03 12.55
CA ASN B 60 -23.40 3.90 11.74
C ASN B 60 -24.29 5.11 12.02
N SER B 61 -24.60 5.90 10.97
CA SER B 61 -25.39 7.11 11.11
C SER B 61 -26.74 6.92 11.77
N ALA B 62 -27.31 5.70 11.70
CA ALA B 62 -28.60 5.42 12.30
C ALA B 62 -28.52 5.21 13.79
N LEU B 63 -27.43 4.58 14.28
CA LEU B 63 -27.10 4.28 15.70
C LEU B 63 -25.91 5.10 16.21
N LYS B 64 -25.57 6.21 15.56
CA LYS B 64 -24.39 7.01 15.95
C LYS B 64 -24.40 7.43 17.43
N SER B 65 -25.56 7.86 17.88
CA SER B 65 -25.79 8.30 19.23
C SER B 65 -25.55 7.20 20.28
N ARG B 66 -25.63 5.89 19.91
CA ARG B 66 -25.52 4.92 20.98
C ARG B 66 -24.18 4.27 21.11
N LEU B 67 -23.31 4.48 20.17
CA LEU B 67 -22.06 3.73 20.15
C LEU B 67 -20.76 4.44 20.47
N SER B 68 -19.80 3.71 21.10
CA SER B 68 -18.41 4.14 21.32
C SER B 68 -17.41 3.03 21.01
N ILE B 69 -16.38 3.30 20.17
CA ILE B 69 -15.33 2.32 19.88
C ILE B 69 -13.98 2.89 20.27
N SER B 70 -13.24 2.20 21.11
CA SER B 70 -11.92 2.64 21.56
C SER B 70 -11.00 1.41 21.49
N LYS B 71 -9.70 1.59 21.73
CA LYS B 71 -8.80 0.43 21.65
C LYS B 71 -7.56 0.70 22.45
N ASP B 72 -6.76 -0.37 22.62
CA ASP B 72 -5.47 -0.30 23.26
C ASP B 72 -4.53 -1.09 22.36
N ASN B 73 -3.74 -0.38 21.54
CA ASN B 73 -2.83 -1.05 20.63
C ASN B 73 -1.86 -2.01 21.32
N SER B 74 -1.27 -1.61 22.47
CA SER B 74 -0.30 -2.44 23.17
C SER B 74 -0.88 -3.71 23.76
N LYS B 75 -2.19 -3.73 24.05
CA LYS B 75 -2.84 -4.93 24.60
C LYS B 75 -3.62 -5.68 23.55
N SER B 76 -3.49 -5.28 22.27
CA SER B 76 -4.18 -5.90 21.14
C SER B 76 -5.67 -6.02 21.43
N GLN B 77 -6.29 -4.97 21.97
CA GLN B 77 -7.71 -5.04 22.30
C GLN B 77 -8.48 -3.90 21.70
N VAL B 78 -9.74 -4.16 21.28
CA VAL B 78 -10.66 -3.16 20.70
C VAL B 78 -11.93 -3.18 21.55
N PHE B 79 -12.42 -2.03 21.99
CA PHE B 79 -13.57 -1.99 22.86
C PHE B 79 -14.81 -1.33 22.31
N LEU B 80 -15.92 -2.05 22.34
CA LEU B 80 -17.23 -1.54 21.95
C LEU B 80 -18.02 -1.25 23.20
N LYS B 81 -18.76 -0.14 23.20
CA LYS B 81 -19.67 0.17 24.31
C LYS B 81 -20.93 0.74 23.66
N MET B 82 -22.12 0.24 24.07
CA MET B 82 -23.39 0.70 23.50
C MET B 82 -24.37 1.07 24.60
N ASN B 83 -24.94 2.27 24.53
CA ASN B 83 -25.89 2.77 25.54
C ASN B 83 -27.26 2.15 25.41
N SER B 84 -27.98 2.06 26.56
CA SER B 84 -29.36 1.62 26.80
C SER B 84 -29.91 0.66 25.78
N LEU B 85 -29.55 -0.62 25.97
CA LEU B 85 -30.02 -1.71 25.13
C LEU B 85 -31.49 -1.98 25.37
N GLN B 86 -32.16 -2.38 24.33
CA GLN B 86 -33.56 -2.77 24.40
C GLN B 86 -33.63 -4.15 23.78
N THR B 87 -34.76 -4.82 23.88
CA THR B 87 -34.92 -6.17 23.35
C THR B 87 -34.45 -6.28 21.89
N ASP B 88 -34.72 -5.28 21.05
CA ASP B 88 -34.31 -5.38 19.65
C ASP B 88 -32.81 -5.21 19.41
N ASP B 89 -32.01 -5.11 20.47
CA ASP B 89 -30.55 -5.05 20.34
C ASP B 89 -30.00 -6.45 20.56
N THR B 90 -30.90 -7.42 20.80
CA THR B 90 -30.52 -8.83 20.95
C THR B 90 -29.93 -9.23 19.62
N ALA B 91 -28.67 -9.68 19.63
CA ALA B 91 -27.99 -10.07 18.39
C ALA B 91 -26.65 -10.67 18.72
N ARG B 92 -26.01 -11.25 17.68
CA ARG B 92 -24.66 -11.75 17.82
C ARG B 92 -23.85 -10.58 17.38
N TYR B 93 -22.83 -10.19 18.18
CA TYR B 93 -21.94 -9.04 17.90
C TYR B 93 -20.56 -9.54 17.49
N TYR B 94 -20.07 -9.15 16.30
CA TYR B 94 -18.78 -9.61 15.78
C TYR B 94 -17.82 -8.48 15.62
N CYS B 95 -16.53 -8.73 15.85
CA CYS B 95 -15.45 -7.78 15.55
C CYS B 95 -14.72 -8.43 14.36
N ALA B 96 -14.34 -7.63 13.34
CA ALA B 96 -13.64 -8.14 12.12
C ALA B 96 -12.57 -7.21 11.56
N ARG B 97 -11.44 -7.80 11.15
CA ARG B 97 -10.29 -7.09 10.63
C ARG B 97 -10.57 -6.48 9.26
N ASP B 98 -10.36 -5.16 9.18
CA ASP B 98 -10.55 -4.34 8.00
C ASP B 98 -9.20 -3.88 7.45
N PRO B 99 -8.57 -4.63 6.51
CA PRO B 99 -7.35 -4.11 5.87
C PRO B 99 -7.84 -3.01 4.90
N TYR B 100 -7.92 -1.76 5.40
CA TYR B 100 -8.49 -0.58 4.71
C TYR B 100 -8.05 -0.31 3.22
N GLY B 101 -6.77 -0.21 2.92
CA GLY B 101 -6.41 0.04 1.53
C GLY B 101 -6.23 -1.18 0.62
N SER B 102 -6.85 -2.31 0.99
CA SER B 102 -6.61 -3.53 0.22
C SER B 102 -7.87 -4.45 0.06
N LYS B 103 -8.29 -5.09 1.12
CA LYS B 103 -9.48 -5.93 1.02
C LYS B 103 -10.48 -5.42 2.07
N PRO B 104 -11.80 -5.61 1.89
CA PRO B 104 -12.74 -5.27 2.98
C PRO B 104 -12.57 -6.26 4.15
N MET B 105 -13.39 -6.16 5.21
CA MET B 105 -13.23 -7.06 6.36
C MET B 105 -12.99 -8.51 5.98
N ASP B 106 -11.81 -9.02 6.34
CA ASP B 106 -11.48 -10.40 6.04
C ASP B 106 -11.71 -11.31 7.24
N TYR B 107 -10.80 -11.35 8.22
CA TYR B 107 -10.89 -12.22 9.39
C TYR B 107 -11.94 -11.80 10.43
N TRP B 108 -12.92 -12.67 10.68
CA TRP B 108 -13.97 -12.41 11.68
C TRP B 108 -13.81 -13.28 12.95
N GLY B 109 -14.32 -12.77 14.06
CA GLY B 109 -14.39 -13.50 15.31
C GLY B 109 -15.63 -14.36 15.27
N GLN B 110 -15.85 -15.25 16.26
CA GLN B 110 -17.06 -16.08 16.18
C GLN B 110 -18.29 -15.36 16.75
N GLY B 111 -18.10 -14.10 17.09
CA GLY B 111 -19.15 -13.26 17.63
C GLY B 111 -19.51 -13.54 19.08
N THR B 112 -20.18 -12.60 19.70
CA THR B 112 -20.63 -12.82 21.04
C THR B 112 -22.11 -12.59 21.03
N SER B 113 -22.79 -13.69 21.37
CA SER B 113 -24.21 -13.86 21.56
C SER B 113 -24.53 -12.94 22.69
N VAL B 114 -25.41 -11.97 22.44
CA VAL B 114 -25.82 -11.01 23.47
C VAL B 114 -27.35 -10.94 23.50
N THR B 115 -27.93 -11.21 24.70
CA THR B 115 -29.35 -11.34 24.95
C THR B 115 -29.90 -10.31 25.98
N VAL B 116 -30.89 -9.51 25.55
CA VAL B 116 -31.48 -8.42 26.35
C VAL B 116 -32.65 -8.95 27.20
N ASP C 1 -26.41 8.29 3.47
CA ASP C 1 -25.79 6.96 3.59
C ASP C 1 -26.18 6.04 2.45
N ILE C 2 -25.25 5.16 2.08
CA ILE C 2 -25.43 4.24 0.95
C ILE C 2 -26.35 3.10 1.32
N VAL C 3 -27.37 2.85 0.48
CA VAL C 3 -28.32 1.75 0.64
C VAL C 3 -27.95 0.62 -0.30
N MET C 4 -27.76 -0.58 0.25
CA MET C 4 -27.43 -1.76 -0.57
C MET C 4 -28.69 -2.63 -0.71
N SER C 5 -29.18 -2.79 -1.96
CA SER C 5 -30.41 -3.53 -2.24
C SER C 5 -30.12 -4.86 -2.97
N GLN C 6 -30.33 -5.98 -2.28
CA GLN C 6 -30.08 -7.31 -2.84
C GLN C 6 -31.35 -7.96 -3.36
N SER C 7 -31.25 -8.74 -4.48
CA SER C 7 -32.32 -9.53 -5.13
C SER C 7 -31.79 -10.86 -5.64
N PRO C 8 -32.53 -11.97 -5.49
CA PRO C 8 -33.78 -12.14 -4.75
C PRO C 8 -33.51 -12.24 -3.25
N SER C 9 -34.54 -12.14 -2.42
CA SER C 9 -34.32 -12.31 -0.99
C SER C 9 -34.03 -13.80 -0.69
N SER C 10 -34.64 -14.70 -1.47
CA SER C 10 -34.47 -16.11 -1.29
C SER C 10 -34.67 -16.80 -2.63
N LEU C 11 -34.08 -18.01 -2.77
CA LEU C 11 -34.18 -18.84 -3.95
C LEU C 11 -33.84 -20.27 -3.58
N VAL C 12 -34.45 -21.25 -4.29
CA VAL C 12 -34.27 -22.69 -4.13
C VAL C 12 -33.67 -23.18 -5.44
N VAL C 13 -32.57 -23.94 -5.38
CA VAL C 13 -31.90 -24.45 -6.59
C VAL C 13 -31.31 -25.85 -6.40
N SER C 14 -31.16 -26.63 -7.48
CA SER C 14 -30.56 -27.96 -7.29
C SER C 14 -29.06 -27.94 -7.53
N VAL C 15 -28.34 -28.95 -6.97
CA VAL C 15 -26.89 -29.08 -7.15
C VAL C 15 -26.59 -29.19 -8.64
N GLY C 16 -25.64 -28.40 -9.11
CA GLY C 16 -25.24 -28.37 -10.52
C GLY C 16 -25.75 -27.17 -11.29
N GLU C 17 -26.88 -26.62 -10.88
CA GLU C 17 -27.43 -25.46 -11.59
C GLU C 17 -26.63 -24.20 -11.35
N LYS C 18 -26.75 -23.28 -12.29
CA LYS C 18 -26.13 -21.95 -12.22
C LYS C 18 -27.05 -21.05 -11.39
N VAL C 19 -26.47 -20.17 -10.59
CA VAL C 19 -27.23 -19.19 -9.81
C VAL C 19 -26.67 -17.80 -10.02
N THR C 20 -27.54 -16.80 -10.23
CA THR C 20 -27.14 -15.41 -10.37
C THR C 20 -27.91 -14.60 -9.37
N MET C 21 -27.25 -13.66 -8.70
CA MET C 21 -27.91 -12.81 -7.73
C MET C 21 -27.39 -11.41 -7.86
N SER C 22 -28.24 -10.43 -7.54
CA SER C 22 -27.99 -9.01 -7.73
C SER C 22 -27.82 -8.22 -6.43
N CYS C 23 -27.02 -7.14 -6.54
CA CYS C 23 -26.77 -6.17 -5.47
C CYS C 23 -26.71 -4.80 -6.13
N LYS C 24 -27.64 -3.91 -5.77
CA LYS C 24 -27.70 -2.56 -6.31
C LYS C 24 -27.42 -1.54 -5.22
N SER C 25 -26.47 -0.62 -5.46
CA SER C 25 -26.10 0.42 -4.49
C SER C 25 -26.78 1.75 -4.87
N SER C 26 -27.20 2.54 -3.87
CA SER C 26 -27.90 3.80 -4.11
C SER C 26 -27.02 4.86 -4.74
N GLN C 27 -25.70 4.74 -4.55
CA GLN C 27 -24.74 5.62 -5.23
C GLN C 27 -23.59 4.80 -5.79
N SER C 28 -22.89 5.35 -6.80
CA SER C 28 -21.78 4.63 -7.41
C SER C 28 -20.68 4.34 -6.40
N LEU C 29 -20.14 3.13 -6.52
CA LEU C 29 -19.06 2.67 -5.67
C LEU C 29 -17.74 2.67 -6.45
N LEU C 30 -17.73 3.33 -7.62
CA LEU C 30 -16.54 3.36 -8.45
C LEU C 30 -15.61 4.49 -8.05
N TYR C 31 -14.42 4.09 -7.56
CA TYR C 31 -13.38 4.96 -7.07
C TYR C 31 -12.60 5.48 -8.23
N SER C 32 -12.68 6.78 -8.46
CA SER C 32 -12.01 7.47 -9.55
C SER C 32 -10.51 7.14 -9.65
N SER C 33 -9.82 7.15 -8.48
CA SER C 33 -8.37 6.99 -8.33
C SER C 33 -7.80 5.69 -8.85
N ASN C 34 -8.54 4.59 -8.76
CA ASN C 34 -8.03 3.31 -9.23
C ASN C 34 -8.97 2.62 -10.24
N GLN C 35 -10.14 3.24 -10.50
CA GLN C 35 -11.15 2.71 -11.42
C GLN C 35 -11.65 1.32 -11.00
N LYS C 36 -11.67 1.09 -9.67
CA LYS C 36 -12.18 -0.13 -9.07
C LYS C 36 -13.45 0.20 -8.29
N ASN C 37 -14.26 -0.81 -8.13
CA ASN C 37 -15.53 -0.74 -7.43
C ASN C 37 -15.32 -1.22 -5.97
N PHE C 38 -15.70 -0.39 -4.99
CA PHE C 38 -15.49 -0.71 -3.58
C PHE C 38 -16.62 -1.61 -3.04
N LEU C 39 -16.69 -2.83 -3.58
CA LEU C 39 -17.72 -3.80 -3.27
C LEU C 39 -17.17 -5.18 -2.97
N ALA C 40 -17.71 -5.82 -1.96
CA ALA C 40 -17.33 -7.17 -1.60
C ALA C 40 -18.55 -8.05 -1.48
N TRP C 41 -18.33 -9.35 -1.61
CA TRP C 41 -19.36 -10.38 -1.42
C TRP C 41 -18.88 -11.33 -0.34
N TYR C 42 -19.78 -11.68 0.57
CA TYR C 42 -19.52 -12.60 1.67
C TYR C 42 -20.50 -13.75 1.62
N GLN C 43 -20.07 -14.89 2.14
CA GLN C 43 -20.90 -16.05 2.23
C GLN C 43 -21.02 -16.38 3.71
N GLN C 44 -22.24 -16.53 4.20
CA GLN C 44 -22.43 -16.94 5.59
C GLN C 44 -23.16 -18.28 5.67
N LYS C 45 -22.40 -19.34 5.97
CA LYS C 45 -22.97 -20.67 6.10
C LYS C 45 -23.72 -20.77 7.43
N PRO C 46 -24.71 -21.68 7.54
CA PRO C 46 -25.44 -21.81 8.80
C PRO C 46 -24.55 -22.07 10.01
N GLY C 47 -24.73 -21.27 11.05
CA GLY C 47 -23.99 -21.39 12.29
C GLY C 47 -22.55 -20.94 12.22
N GLN C 48 -22.18 -20.26 11.13
CA GLN C 48 -20.81 -19.80 10.94
C GLN C 48 -20.78 -18.33 10.79
N SER C 49 -19.55 -17.76 10.91
CA SER C 49 -19.29 -16.35 10.64
C SER C 49 -19.26 -16.15 9.13
N PRO C 50 -19.48 -14.92 8.66
CA PRO C 50 -19.31 -14.62 7.23
C PRO C 50 -17.86 -14.89 6.78
N LYS C 51 -17.71 -15.21 5.49
CA LYS C 51 -16.44 -15.47 4.86
C LYS C 51 -16.37 -14.57 3.65
N LEU C 52 -15.24 -13.96 3.45
CA LEU C 52 -15.07 -13.11 2.28
C LEU C 52 -14.95 -13.93 1.01
N LEU C 53 -15.70 -13.58 -0.02
CA LEU C 53 -15.59 -14.28 -1.31
C LEU C 53 -14.87 -13.44 -2.35
N ILE C 54 -15.38 -12.23 -2.55
CA ILE C 54 -14.94 -11.33 -3.61
C ILE C 54 -14.71 -9.93 -3.04
N TYR C 55 -13.72 -9.23 -3.57
CA TYR C 55 -13.52 -7.84 -3.24
C TYR C 55 -13.19 -7.10 -4.53
N TRP C 56 -13.21 -5.78 -4.51
CA TRP C 56 -13.07 -4.97 -5.71
C TRP C 56 -14.10 -5.41 -6.77
N ALA C 57 -15.29 -5.88 -6.32
CA ALA C 57 -16.39 -6.36 -7.15
C ALA C 57 -16.12 -7.66 -7.96
N SER C 58 -14.85 -7.93 -8.34
CA SER C 58 -14.54 -9.09 -9.18
C SER C 58 -13.28 -9.87 -8.79
N THR C 59 -12.53 -9.41 -7.77
CA THR C 59 -11.32 -10.12 -7.33
C THR C 59 -11.68 -11.17 -6.31
N ARG C 60 -11.36 -12.39 -6.61
CA ARG C 60 -11.60 -13.56 -5.79
C ARG C 60 -10.59 -13.61 -4.63
N GLU C 61 -11.08 -13.82 -3.40
CA GLU C 61 -10.21 -13.96 -2.23
C GLU C 61 -9.49 -15.29 -2.33
N SER C 62 -8.26 -15.35 -1.81
CA SER C 62 -7.47 -16.59 -1.80
C SER C 62 -8.27 -17.73 -1.14
N GLY C 63 -8.29 -18.89 -1.78
CA GLY C 63 -9.00 -20.04 -1.26
C GLY C 63 -10.43 -20.19 -1.73
N VAL C 64 -10.95 -19.16 -2.42
CA VAL C 64 -12.31 -19.18 -2.93
C VAL C 64 -12.37 -19.89 -4.30
N PRO C 65 -13.30 -20.88 -4.44
CA PRO C 65 -13.43 -21.58 -5.72
C PRO C 65 -13.74 -20.66 -6.89
N ASP C 66 -13.17 -21.02 -8.06
CA ASP C 66 -13.35 -20.33 -9.35
C ASP C 66 -14.81 -20.28 -9.82
N ARG C 67 -15.70 -21.13 -9.26
CA ARG C 67 -17.12 -21.15 -9.62
C ARG C 67 -17.86 -19.89 -9.22
N PHE C 68 -17.26 -19.13 -8.29
CA PHE C 68 -17.80 -17.86 -7.82
C PHE C 68 -17.18 -16.74 -8.65
N THR C 69 -18.03 -15.93 -9.29
CA THR C 69 -17.59 -14.81 -10.11
C THR C 69 -18.42 -13.60 -9.77
N GLY C 70 -17.73 -12.51 -9.47
CA GLY C 70 -18.36 -11.24 -9.21
C GLY C 70 -18.19 -10.38 -10.44
N SER C 71 -19.21 -9.58 -10.74
CA SER C 71 -19.19 -8.68 -11.88
C SER C 71 -20.02 -7.40 -11.61
N GLY C 72 -19.94 -6.45 -12.53
CA GLY C 72 -20.70 -5.21 -12.43
C GLY C 72 -19.81 -4.02 -12.15
N SER C 73 -20.37 -2.81 -12.25
CA SER C 73 -19.63 -1.57 -12.01
C SER C 73 -20.60 -0.46 -11.70
N GLY C 74 -20.13 0.51 -10.90
CA GLY C 74 -20.91 1.68 -10.52
C GLY C 74 -21.91 1.36 -9.45
N THR C 75 -23.18 1.09 -9.84
CA THR C 75 -24.26 0.79 -8.90
C THR C 75 -24.82 -0.63 -9.00
N ASP C 76 -24.65 -1.32 -10.11
CA ASP C 76 -25.32 -2.62 -10.29
C ASP C 76 -24.34 -3.76 -10.36
N PHE C 77 -24.42 -4.67 -9.37
CA PHE C 77 -23.47 -5.77 -9.22
C PHE C 77 -24.12 -7.13 -9.20
N THR C 78 -23.38 -8.17 -9.65
CA THR C 78 -23.86 -9.55 -9.74
C THR C 78 -22.86 -10.56 -9.20
N LEU C 79 -23.36 -11.55 -8.45
CA LEU C 79 -22.58 -12.70 -8.02
C LEU C 79 -23.16 -13.92 -8.73
N THR C 80 -22.31 -14.62 -9.48
CA THR C 80 -22.72 -15.83 -10.18
C THR C 80 -21.98 -17.06 -9.61
N ILE C 81 -22.69 -18.17 -9.44
CA ILE C 81 -22.11 -19.47 -9.08
C ILE C 81 -22.32 -20.33 -10.32
N SER C 82 -21.24 -20.68 -11.03
CA SER C 82 -21.34 -21.38 -12.31
C SER C 82 -22.05 -22.75 -12.24
N SER C 83 -21.79 -23.50 -11.18
CA SER C 83 -22.35 -24.84 -10.94
C SER C 83 -22.40 -24.96 -9.43
N VAL C 84 -23.60 -24.88 -8.84
CA VAL C 84 -23.72 -24.91 -7.38
C VAL C 84 -23.37 -26.27 -6.81
N LYS C 85 -22.64 -26.26 -5.68
CA LYS C 85 -22.28 -27.46 -4.93
C LYS C 85 -23.10 -27.50 -3.64
N ALA C 86 -23.25 -28.70 -3.07
CA ALA C 86 -24.05 -28.93 -1.88
C ALA C 86 -23.61 -28.10 -0.73
N GLU C 87 -22.31 -27.80 -0.65
CA GLU C 87 -21.75 -27.01 0.44
C GLU C 87 -22.04 -25.53 0.33
N ASP C 88 -22.59 -25.08 -0.80
CA ASP C 88 -22.81 -23.66 -1.04
C ASP C 88 -24.05 -23.10 -0.37
N LEU C 89 -24.86 -23.93 0.33
CA LEU C 89 -26.03 -23.42 1.01
C LEU C 89 -25.56 -22.44 2.06
N ALA C 90 -26.08 -21.21 1.96
CA ALA C 90 -25.63 -20.06 2.75
C ALA C 90 -26.45 -18.85 2.43
N VAL C 91 -26.22 -17.78 3.18
CA VAL C 91 -26.78 -16.49 2.85
C VAL C 91 -25.63 -15.65 2.35
N TYR C 92 -25.83 -15.04 1.18
CA TYR C 92 -24.83 -14.23 0.50
C TYR C 92 -25.12 -12.75 0.67
N TYR C 93 -24.13 -12.02 1.18
CA TYR C 93 -24.26 -10.60 1.43
C TYR C 93 -23.30 -9.80 0.59
N CYS C 94 -23.74 -8.63 0.10
CA CYS C 94 -22.81 -7.71 -0.52
C CYS C 94 -22.55 -6.62 0.51
N GLN C 95 -21.43 -5.93 0.38
CA GLN C 95 -21.06 -4.88 1.30
C GLN C 95 -20.34 -3.79 0.54
N GLN C 96 -20.66 -2.54 0.81
CA GLN C 96 -19.89 -1.45 0.22
C GLN C 96 -18.85 -1.01 1.24
N TYR C 97 -17.63 -0.66 0.77
CA TYR C 97 -16.60 -0.23 1.72
C TYR C 97 -15.96 1.06 1.33
N PHE C 98 -16.56 1.78 0.35
CA PHE C 98 -16.14 3.08 -0.17
C PHE C 98 -15.96 4.04 1.03
N ARG C 99 -17.07 4.47 1.67
CA ARG C 99 -17.06 5.28 2.88
C ARG C 99 -17.98 4.57 3.87
N TYR C 100 -17.39 4.11 5.00
CA TYR C 100 -18.05 3.29 6.02
C TYR C 100 -18.43 1.94 5.35
N ARG C 101 -19.23 1.09 6.02
CA ARG C 101 -19.74 -0.13 5.41
C ARG C 101 -21.24 -0.24 5.52
N THR C 102 -21.84 -0.90 4.52
CA THR C 102 -23.27 -1.19 4.45
C THR C 102 -23.49 -2.57 3.84
N PHE C 103 -24.39 -3.37 4.41
CA PHE C 103 -24.71 -4.67 3.85
C PHE C 103 -26.09 -4.69 3.22
N GLY C 104 -26.27 -5.59 2.24
CA GLY C 104 -27.57 -5.82 1.61
C GLY C 104 -28.48 -6.60 2.55
N GLY C 105 -29.57 -7.13 2.00
CA GLY C 105 -30.54 -7.94 2.77
C GLY C 105 -30.24 -9.42 2.76
N GLY C 106 -29.30 -9.78 1.91
CA GLY C 106 -28.85 -11.16 1.72
C GLY C 106 -29.79 -12.02 0.93
N THR C 107 -29.22 -12.77 0.00
CA THR C 107 -30.03 -13.69 -0.78
C THR C 107 -29.82 -15.04 -0.09
N LYS C 108 -30.91 -15.79 0.11
CA LYS C 108 -30.84 -17.07 0.78
C LYS C 108 -30.76 -18.25 -0.21
N LEU C 109 -29.66 -19.01 -0.16
CA LEU C 109 -29.45 -20.15 -1.05
C LEU C 109 -29.91 -21.46 -0.44
N GLU C 110 -31.14 -21.89 -0.81
CA GLU C 110 -31.73 -23.16 -0.40
C GLU C 110 -31.42 -24.20 -1.46
N ILE C 111 -31.19 -25.47 -1.06
CA ILE C 111 -30.87 -26.54 -2.02
C ILE C 111 -31.79 -27.78 -1.84
N LYS C 112 -32.58 -28.08 -2.89
CA LYS C 112 -33.43 -29.27 -2.96
C LYS C 112 -32.90 -30.10 -4.13
N GLY D 5 11.29 5.08 10.09
CA GLY D 5 12.15 6.26 10.02
C GLY D 5 11.48 7.55 9.53
N GLU D 6 12.25 8.68 9.48
CA GLU D 6 11.73 10.01 9.09
C GLU D 6 11.65 10.25 7.56
N VAL D 7 10.69 11.07 7.15
CA VAL D 7 10.48 11.51 5.77
C VAL D 7 11.12 12.90 5.65
N CYS D 8 12.13 13.00 4.79
CA CYS D 8 12.81 14.27 4.61
C CYS D 8 12.46 14.88 3.29
N PRO D 9 12.56 16.20 3.19
CA PRO D 9 12.31 16.86 1.91
C PRO D 9 13.53 16.72 0.97
N GLY D 10 13.36 17.08 -0.30
CA GLY D 10 14.46 17.05 -1.25
C GLY D 10 15.63 17.90 -0.79
N MET D 11 16.86 17.49 -1.13
CA MET D 11 18.06 18.22 -0.76
C MET D 11 18.99 18.40 -1.91
N ASP D 12 19.71 19.54 -1.89
CA ASP D 12 20.76 19.91 -2.82
C ASP D 12 22.02 20.14 -2.01
N ILE D 13 22.92 19.17 -2.00
CA ILE D 13 24.13 19.22 -1.21
C ILE D 13 25.33 19.49 -2.06
N ARG D 14 25.99 20.64 -1.84
CA ARG D 14 27.14 21.03 -2.59
C ARG D 14 28.26 21.59 -1.74
N ASN D 15 29.43 21.76 -2.33
CA ASN D 15 30.62 22.40 -1.75
C ASN D 15 31.27 21.60 -0.60
N ASN D 16 30.59 21.45 0.53
CA ASN D 16 31.05 20.81 1.76
C ASN D 16 30.24 19.57 2.05
N LEU D 17 30.79 18.64 2.84
CA LEU D 17 29.97 17.54 3.34
C LEU D 17 29.08 17.91 4.55
N THR D 18 29.24 19.08 5.15
CA THR D 18 28.48 19.48 6.34
C THR D 18 26.99 19.17 6.25
N ARG D 19 26.29 19.69 5.22
CA ARG D 19 24.83 19.56 5.16
C ARG D 19 24.34 18.14 4.93
N LEU D 20 25.26 17.28 4.50
CA LEU D 20 24.96 15.88 4.21
C LEU D 20 24.41 15.11 5.41
N HIS D 21 24.82 15.49 6.61
CA HIS D 21 24.40 14.88 7.85
C HIS D 21 22.95 15.18 8.17
N GLU D 22 22.32 16.05 7.36
CA GLU D 22 20.89 16.31 7.50
C GLU D 22 20.08 15.06 7.07
N LEU D 23 20.72 14.13 6.34
CA LEU D 23 20.10 12.86 5.94
C LEU D 23 20.15 11.78 7.01
N GLU D 24 20.82 12.06 8.14
CA GLU D 24 21.11 11.05 9.12
C GLU D 24 19.90 10.25 9.61
N ASN D 25 18.68 10.81 9.69
CA ASN D 25 17.52 10.02 10.15
C ASN D 25 16.48 9.65 9.05
N CYS D 26 16.73 10.02 7.79
CA CYS D 26 15.77 9.77 6.71
C CYS D 26 15.70 8.36 6.25
N SER D 27 14.47 7.85 6.20
CA SER D 27 14.16 6.56 5.56
C SER D 27 13.73 6.84 4.14
N VAL D 28 13.01 7.95 3.93
CA VAL D 28 12.47 8.35 2.64
C VAL D 28 12.82 9.80 2.35
N ILE D 29 13.29 10.09 1.15
CA ILE D 29 13.45 11.47 0.73
C ILE D 29 12.26 11.76 -0.17
N GLU D 30 11.40 12.64 0.28
CA GLU D 30 10.22 13.05 -0.46
C GLU D 30 10.65 14.28 -1.29
N GLY D 31 11.23 13.99 -2.43
CA GLY D 31 11.86 14.96 -3.32
C GLY D 31 13.05 14.31 -4.00
N HIS D 32 14.02 15.10 -4.46
CA HIS D 32 15.22 14.55 -5.08
C HIS D 32 16.42 14.73 -4.18
N LEU D 33 17.51 14.09 -4.53
CA LEU D 33 18.76 14.23 -3.83
C LEU D 33 19.82 14.52 -4.85
N GLN D 34 20.44 15.70 -4.75
CA GLN D 34 21.56 16.12 -5.59
C GLN D 34 22.76 16.31 -4.69
N ILE D 35 23.87 15.66 -5.04
CA ILE D 35 25.17 15.81 -4.36
C ILE D 35 26.16 16.21 -5.43
N LEU D 36 26.74 17.37 -5.29
CA LEU D 36 27.58 17.90 -6.36
C LEU D 36 28.63 18.91 -5.93
N LEU D 37 29.63 19.04 -6.79
CA LEU D 37 30.63 20.08 -6.69
C LEU D 37 31.34 20.12 -5.33
N MET D 38 31.99 19.01 -5.00
CA MET D 38 32.81 18.89 -3.82
C MET D 38 34.20 18.60 -4.26
N PHE D 39 34.99 19.66 -4.34
CA PHE D 39 36.35 19.59 -4.88
C PHE D 39 37.42 19.28 -3.88
N LYS D 40 37.16 19.55 -2.59
CA LYS D 40 38.09 19.42 -1.47
C LYS D 40 38.04 18.06 -0.77
N THR D 41 36.96 17.29 -1.01
CA THR D 41 36.78 15.97 -0.40
C THR D 41 37.81 14.96 -0.94
N ARG D 42 38.15 13.98 -0.08
CA ARG D 42 39.11 12.92 -0.36
C ARG D 42 38.52 11.58 0.14
N PRO D 43 39.05 10.42 -0.27
CA PRO D 43 38.47 9.13 0.16
C PRO D 43 38.25 9.00 1.68
N GLU D 44 39.24 9.45 2.45
CA GLU D 44 39.19 9.43 3.90
C GLU D 44 37.92 10.09 4.47
N ASP D 45 37.40 11.12 3.80
CA ASP D 45 36.17 11.80 4.21
C ASP D 45 34.93 10.92 4.06
N PHE D 46 35.00 9.88 3.21
CA PHE D 46 33.88 8.97 2.97
C PHE D 46 33.99 7.59 3.62
N ARG D 47 35.21 7.20 4.05
CA ARG D 47 35.49 5.89 4.68
C ARG D 47 34.49 5.49 5.76
N ASP D 48 34.19 6.40 6.70
CA ASP D 48 33.22 6.10 7.75
C ASP D 48 31.95 6.97 7.65
N LEU D 49 31.47 7.18 6.42
CA LEU D 49 30.28 7.99 6.17
C LEU D 49 29.24 7.09 5.53
N SER D 50 28.10 6.96 6.21
CA SER D 50 27.08 6.00 5.81
C SER D 50 25.72 6.47 6.20
N PHE D 51 24.72 6.23 5.33
CA PHE D 51 23.30 6.54 5.61
C PHE D 51 22.45 5.29 5.41
N PRO D 52 22.59 4.32 6.33
CA PRO D 52 21.93 3.02 6.15
C PRO D 52 20.43 3.05 6.30
N LYS D 53 19.90 4.15 6.81
CA LYS D 53 18.46 4.30 6.97
C LYS D 53 17.76 4.64 5.66
N LEU D 54 18.43 5.25 4.70
CA LEU D 54 17.77 5.62 3.43
C LEU D 54 17.41 4.43 2.56
N ILE D 55 16.09 4.27 2.37
CA ILE D 55 15.48 3.20 1.63
C ILE D 55 14.97 3.69 0.27
N MET D 56 14.46 4.92 0.23
CA MET D 56 13.79 5.38 -0.95
C MET D 56 13.84 6.85 -1.23
N ILE D 57 13.90 7.21 -2.51
CA ILE D 57 13.87 8.60 -3.01
C ILE D 57 12.66 8.70 -3.96
N THR D 58 11.74 9.65 -3.74
CA THR D 58 10.52 9.70 -4.56
C THR D 58 10.75 10.26 -5.97
N ASP D 59 11.77 11.12 -6.12
CA ASP D 59 12.06 11.77 -7.40
C ASP D 59 13.28 11.15 -8.04
N TYR D 60 14.43 11.81 -7.98
CA TYR D 60 15.65 11.32 -8.60
C TYR D 60 16.90 11.49 -7.73
N LEU D 61 17.96 10.77 -8.07
CA LEU D 61 19.26 10.87 -7.41
C LEU D 61 20.25 11.36 -8.45
N LEU D 62 20.96 12.45 -8.15
CA LEU D 62 21.96 13.02 -9.05
C LEU D 62 23.28 13.24 -8.31
N LEU D 63 24.37 12.76 -8.93
CA LEU D 63 25.72 12.92 -8.39
C LEU D 63 26.61 13.47 -9.49
N PHE D 64 27.27 14.62 -9.21
CA PHE D 64 28.09 15.30 -10.19
C PHE D 64 29.35 15.90 -9.57
N ARG D 65 30.54 15.60 -10.12
CA ARG D 65 31.82 16.19 -9.63
C ARG D 65 32.01 16.15 -8.09
N VAL D 66 31.90 14.96 -7.51
CA VAL D 66 32.13 14.75 -6.07
C VAL D 66 33.46 14.03 -5.97
N TYR D 67 34.51 14.76 -5.54
CA TYR D 67 35.87 14.26 -5.44
C TYR D 67 36.08 13.33 -4.27
N GLY D 68 36.93 12.33 -4.45
CA GLY D 68 37.29 11.38 -3.42
C GLY D 68 36.31 10.22 -3.21
N LEU D 69 35.08 10.30 -3.78
CA LEU D 69 34.06 9.26 -3.62
C LEU D 69 34.29 8.18 -4.65
N GLU D 70 34.57 6.97 -4.18
CA GLU D 70 34.95 5.82 -4.99
C GLU D 70 33.87 4.77 -5.17
N SER D 71 32.85 4.81 -4.31
CA SER D 71 31.72 3.89 -4.39
C SER D 71 30.62 4.50 -3.60
N LEU D 72 29.39 4.05 -3.87
CA LEU D 72 28.23 4.47 -3.09
C LEU D 72 27.78 3.35 -2.13
N LYS D 73 28.50 2.21 -2.10
CA LYS D 73 28.14 1.04 -1.29
C LYS D 73 28.06 1.32 0.22
N ASP D 74 28.82 2.29 0.70
CA ASP D 74 28.80 2.63 2.12
C ASP D 74 27.91 3.81 2.38
N LEU D 75 27.78 4.70 1.40
CA LEU D 75 26.91 5.86 1.55
C LEU D 75 25.43 5.46 1.57
N PHE D 76 24.99 4.71 0.55
CA PHE D 76 23.57 4.34 0.43
C PHE D 76 23.40 2.83 0.28
N PRO D 77 23.80 2.07 1.33
CA PRO D 77 23.78 0.60 1.21
C PRO D 77 22.41 -0.01 1.07
N ASN D 78 21.38 0.67 1.59
CA ASN D 78 19.99 0.17 1.63
C ASN D 78 18.99 0.86 0.71
N LEU D 79 19.46 1.81 -0.13
CA LEU D 79 18.57 2.49 -1.06
C LEU D 79 18.03 1.44 -2.00
N THR D 80 16.71 1.24 -1.95
CA THR D 80 15.99 0.16 -2.63
C THR D 80 15.12 0.59 -3.82
N VAL D 81 14.49 1.77 -3.70
CA VAL D 81 13.62 2.32 -4.73
C VAL D 81 13.91 3.78 -5.02
N ILE D 82 13.91 4.14 -6.30
CA ILE D 82 13.89 5.52 -6.77
C ILE D 82 12.59 5.59 -7.58
N ARG D 83 11.59 6.34 -7.12
CA ARG D 83 10.27 6.33 -7.76
C ARG D 83 10.17 7.12 -9.04
N GLY D 84 10.96 8.18 -9.16
CA GLY D 84 10.94 8.98 -10.37
C GLY D 84 9.65 9.75 -10.59
N SER D 85 8.97 10.21 -9.51
CA SER D 85 7.74 11.02 -9.65
C SER D 85 8.01 12.33 -10.37
N ARG D 86 9.16 12.93 -10.07
CA ARG D 86 9.75 14.03 -10.81
C ARG D 86 11.13 13.56 -11.26
N LEU D 87 11.54 14.00 -12.43
CA LEU D 87 12.77 13.55 -13.00
C LEU D 87 13.69 14.72 -13.33
N PHE D 88 14.96 14.39 -13.64
CA PHE D 88 15.95 15.36 -14.09
C PHE D 88 15.98 15.10 -15.56
N PHE D 89 15.28 15.95 -16.31
CA PHE D 89 15.02 15.75 -17.72
C PHE D 89 14.82 14.26 -18.03
N ASN D 90 13.74 13.58 -17.61
CA ASN D 90 13.52 12.15 -17.95
C ASN D 90 14.42 11.12 -17.24
N TYR D 91 15.41 11.53 -16.43
CA TYR D 91 16.26 10.60 -15.69
C TYR D 91 15.94 10.53 -14.21
N ALA D 92 15.91 9.31 -13.68
CA ALA D 92 15.71 9.05 -12.25
C ALA D 92 17.05 8.86 -11.50
N LEU D 93 18.11 8.56 -12.26
CA LEU D 93 19.44 8.40 -11.71
C LEU D 93 20.46 9.02 -12.64
N VAL D 94 21.26 9.94 -12.14
CA VAL D 94 22.28 10.67 -12.91
C VAL D 94 23.62 10.61 -12.19
N ILE D 95 24.62 10.05 -12.86
CA ILE D 95 25.99 9.93 -12.35
C ILE D 95 26.86 10.54 -13.45
N PHE D 96 27.38 11.73 -13.21
CA PHE D 96 28.05 12.48 -14.24
C PHE D 96 29.34 13.14 -13.77
N GLU D 97 30.44 12.89 -14.50
CA GLU D 97 31.75 13.45 -14.16
C GLU D 97 32.13 13.25 -12.70
N MET D 98 31.90 12.00 -12.22
CA MET D 98 32.29 11.54 -10.90
C MET D 98 33.69 10.95 -11.13
N VAL D 99 34.70 11.83 -10.98
CA VAL D 99 36.10 11.66 -11.31
C VAL D 99 36.79 10.50 -10.61
N HIS D 100 36.37 10.11 -9.38
CA HIS D 100 37.04 9.04 -8.62
C HIS D 100 36.21 7.80 -8.44
N LEU D 101 34.96 7.82 -8.93
CA LEU D 101 34.00 6.74 -8.73
C LEU D 101 34.40 5.50 -9.49
N LYS D 102 34.60 4.39 -8.74
CA LYS D 102 35.09 3.14 -9.28
C LYS D 102 33.97 2.15 -9.53
N GLU D 103 32.87 2.27 -8.78
CA GLU D 103 31.70 1.41 -8.90
C GLU D 103 30.51 2.21 -8.40
N LEU D 104 29.30 1.82 -8.78
CA LEU D 104 28.11 2.45 -8.20
C LEU D 104 27.93 1.86 -6.79
N GLY D 105 27.82 0.53 -6.73
CA GLY D 105 27.65 -0.18 -5.48
C GLY D 105 26.33 0.03 -4.78
N LEU D 106 25.26 0.33 -5.53
CA LEU D 106 23.93 0.51 -4.96
C LEU D 106 23.28 -0.88 -4.93
N TYR D 107 23.86 -1.78 -4.10
CA TYR D 107 23.55 -3.20 -4.13
C TYR D 107 22.18 -3.56 -3.63
N ASN D 108 21.45 -2.59 -3.08
CA ASN D 108 20.07 -2.84 -2.69
C ASN D 108 19.06 -2.19 -3.63
N LEU D 109 19.51 -1.51 -4.69
CA LEU D 109 18.58 -0.86 -5.63
C LEU D 109 17.84 -1.89 -6.51
N MET D 110 16.53 -2.05 -6.24
CA MET D 110 15.73 -3.09 -6.90
C MET D 110 14.79 -2.59 -7.96
N ASN D 111 14.36 -1.33 -7.81
CA ASN D 111 13.39 -0.77 -8.72
C ASN D 111 13.53 0.70 -8.91
N ILE D 112 13.43 1.15 -10.17
CA ILE D 112 13.31 2.54 -10.59
C ILE D 112 11.95 2.59 -11.27
N THR D 113 10.99 3.19 -10.58
CA THR D 113 9.60 3.10 -10.94
C THR D 113 9.22 3.86 -12.19
N ARG D 114 9.90 4.97 -12.44
CA ARG D 114 9.65 5.82 -13.58
C ARG D 114 10.95 6.52 -13.92
N GLY D 115 11.18 6.73 -15.21
CA GLY D 115 12.37 7.43 -15.68
C GLY D 115 13.49 6.51 -16.09
N SER D 116 14.58 7.10 -16.59
CA SER D 116 15.73 6.38 -17.08
C SER D 116 17.01 6.66 -16.28
N VAL D 117 18.09 6.03 -16.68
CA VAL D 117 19.39 6.16 -16.04
C VAL D 117 20.37 6.83 -16.98
N ARG D 118 21.10 7.84 -16.49
CA ARG D 118 22.15 8.51 -17.28
C ARG D 118 23.45 8.46 -16.51
N ILE D 119 24.41 7.65 -16.99
CA ILE D 119 25.70 7.45 -16.32
C ILE D 119 26.75 7.72 -17.39
N GLU D 120 27.41 8.88 -17.28
CA GLU D 120 28.24 9.38 -18.34
C GLU D 120 29.50 10.07 -17.88
N LYS D 121 30.62 9.82 -18.56
CA LYS D 121 31.89 10.53 -18.33
C LYS D 121 32.50 10.38 -16.93
N ASN D 122 32.50 9.12 -16.48
CA ASN D 122 33.05 8.70 -15.21
C ASN D 122 34.26 7.81 -15.54
N ASN D 123 35.44 8.44 -15.57
CA ASN D 123 36.71 7.80 -15.89
C ASN D 123 36.96 7.20 -14.52
N GLU D 124 37.30 5.95 -14.48
CA GLU D 124 37.41 5.14 -13.25
C GLU D 124 36.22 4.25 -13.06
N LEU D 125 35.05 4.52 -13.69
CA LEU D 125 33.82 3.77 -13.34
C LEU D 125 33.70 2.40 -13.99
N CYS D 126 33.70 1.39 -13.14
CA CYS D 126 33.54 0.01 -13.54
C CYS D 126 32.30 -0.58 -12.91
N TYR D 127 32.09 -1.86 -13.04
CA TYR D 127 30.95 -2.55 -12.50
C TYR D 127 29.61 -1.98 -13.01
N LEU D 128 29.60 -1.60 -14.29
CA LEU D 128 28.40 -1.15 -15.01
C LEU D 128 27.89 -2.24 -15.96
N ALA D 129 28.83 -2.92 -16.66
CA ALA D 129 28.49 -4.02 -17.53
C ALA D 129 27.89 -5.17 -16.73
N THR D 130 28.19 -5.24 -15.44
CA THR D 130 27.73 -6.32 -14.56
C THR D 130 26.33 -6.08 -13.99
N ILE D 131 25.74 -4.88 -14.23
CA ILE D 131 24.40 -4.60 -13.75
C ILE D 131 23.43 -4.90 -14.86
N ASP D 132 22.37 -5.68 -14.54
CA ASP D 132 21.25 -5.92 -15.44
C ASP D 132 20.15 -4.96 -15.07
N TRP D 133 20.11 -3.84 -15.79
CA TRP D 133 19.12 -2.81 -15.55
C TRP D 133 17.69 -3.27 -15.90
N SER D 134 17.51 -4.29 -16.77
CA SER D 134 16.16 -4.75 -17.11
C SER D 134 15.44 -5.33 -15.93
N ARG D 135 16.17 -5.67 -14.85
CA ARG D 135 15.55 -6.13 -13.59
C ARG D 135 15.09 -4.95 -12.71
N ILE D 136 15.58 -3.75 -13.03
CA ILE D 136 15.35 -2.55 -12.22
C ILE D 136 14.37 -1.56 -12.87
N LEU D 137 14.41 -1.44 -14.20
CA LEU D 137 13.55 -0.56 -15.00
C LEU D 137 12.77 -1.38 -16.01
N ASP D 138 11.49 -1.02 -16.24
CA ASP D 138 10.68 -1.64 -17.29
C ASP D 138 11.28 -1.40 -18.66
N SER D 139 11.78 -0.16 -18.91
CA SER D 139 12.42 0.11 -20.19
C SER D 139 13.80 0.70 -20.03
N VAL D 140 14.80 0.00 -20.58
CA VAL D 140 16.20 0.39 -20.58
C VAL D 140 16.58 1.08 -21.88
N GLU D 141 15.61 1.15 -22.79
CA GLU D 141 15.75 1.73 -24.11
C GLU D 141 16.22 3.20 -24.05
N ASP D 142 15.79 3.95 -23.01
CA ASP D 142 16.17 5.35 -22.90
C ASP D 142 17.36 5.61 -21.95
N ASN D 143 17.98 4.54 -21.44
CA ASN D 143 19.19 4.68 -20.63
C ASN D 143 20.32 5.24 -21.47
N HIS D 144 21.20 6.01 -20.85
CA HIS D 144 22.32 6.60 -21.55
C HIS D 144 23.57 6.40 -20.70
N ILE D 145 24.26 5.28 -20.97
CA ILE D 145 25.42 4.86 -20.19
C ILE D 145 26.60 4.73 -21.13
N VAL D 146 27.44 5.78 -21.17
CA VAL D 146 28.54 5.90 -22.11
C VAL D 146 29.72 6.64 -21.49
N LEU D 147 30.85 6.56 -22.17
CA LEU D 147 32.08 7.28 -21.83
C LEU D 147 32.55 7.06 -20.37
N ASN D 148 32.45 5.81 -19.91
CA ASN D 148 32.94 5.42 -18.58
C ASN D 148 34.12 4.50 -18.75
N LYS D 149 34.87 4.20 -17.66
CA LYS D 149 36.03 3.32 -17.79
C LYS D 149 35.67 2.06 -18.52
N ASP D 150 34.49 1.53 -18.21
CA ASP D 150 33.87 0.36 -18.83
C ASP D 150 33.99 0.27 -20.39
N GLU D 154 39.53 -1.99 -20.50
CA GLU D 154 39.22 -3.21 -19.75
C GLU D 154 39.14 -2.93 -18.25
N CYS D 155 38.03 -3.34 -17.65
CA CYS D 155 37.68 -3.06 -16.27
C CYS D 155 38.06 -4.14 -15.26
N GLY D 156 37.98 -5.42 -15.66
CA GLY D 156 38.24 -6.56 -14.78
C GLY D 156 37.20 -6.69 -13.69
N ASP D 157 35.93 -6.59 -14.08
CA ASP D 157 34.78 -6.63 -13.17
C ASP D 157 34.62 -8.02 -12.59
N ILE D 158 35.24 -8.29 -11.44
CA ILE D 158 35.17 -9.63 -10.84
C ILE D 158 34.05 -9.73 -9.83
N CYS D 159 33.14 -10.69 -10.05
CA CYS D 159 31.97 -10.88 -9.20
C CYS D 159 32.21 -11.85 -8.04
N ASN D 168 28.58 -17.76 -8.01
CA ASN D 168 27.62 -17.42 -6.95
C ASN D 168 26.56 -16.37 -7.30
N CYS D 169 26.90 -15.46 -8.20
CA CYS D 169 25.98 -14.44 -8.65
C CYS D 169 25.03 -14.96 -9.74
N PRO D 170 23.80 -14.39 -9.81
CA PRO D 170 22.85 -14.74 -10.87
C PRO D 170 23.37 -14.31 -12.24
N ALA D 171 22.94 -14.99 -13.29
CA ALA D 171 23.36 -14.62 -14.64
C ALA D 171 22.16 -14.37 -15.49
N THR D 172 22.24 -13.31 -16.27
CA THR D 172 21.15 -12.95 -17.18
C THR D 172 21.73 -12.62 -18.55
N VAL D 173 20.87 -12.56 -19.59
CA VAL D 173 21.30 -12.24 -20.95
C VAL D 173 21.49 -10.74 -21.23
N PHE D 178 24.77 -14.70 -21.89
CA PHE D 178 24.59 -14.77 -20.45
C PHE D 178 25.82 -14.24 -19.71
N VAL D 179 25.60 -13.46 -18.67
CA VAL D 179 26.63 -12.75 -17.92
C VAL D 179 26.25 -12.70 -16.44
N GLU D 180 27.24 -12.92 -15.56
CA GLU D 180 26.94 -12.85 -14.13
C GLU D 180 26.86 -11.41 -13.66
N ARG D 181 25.95 -11.14 -12.74
CA ARG D 181 25.53 -9.82 -12.32
C ARG D 181 25.87 -9.48 -10.90
N CYS D 182 26.57 -8.37 -10.78
CA CYS D 182 27.02 -7.87 -9.50
C CYS D 182 27.22 -6.36 -9.54
N TRP D 183 27.23 -5.78 -8.33
CA TRP D 183 27.44 -4.37 -8.06
C TRP D 183 28.87 -4.07 -7.66
N THR D 184 29.53 -5.00 -6.92
CA THR D 184 30.93 -4.91 -6.48
C THR D 184 31.56 -6.30 -6.44
N HIS D 185 32.85 -6.37 -6.07
CA HIS D 185 33.56 -7.64 -5.90
C HIS D 185 32.93 -8.45 -4.78
N SER D 186 32.25 -7.80 -3.82
CA SER D 186 31.65 -8.50 -2.72
C SER D 186 30.11 -8.49 -2.70
N HIS D 187 29.44 -7.89 -3.71
CA HIS D 187 27.97 -7.86 -3.73
C HIS D 187 27.35 -8.25 -5.05
N CYS D 188 26.55 -9.31 -5.05
CA CYS D 188 25.79 -9.75 -6.21
C CYS D 188 24.60 -8.80 -6.44
N GLN D 189 24.01 -8.89 -7.65
CA GLN D 189 22.75 -8.26 -7.95
C GLN D 189 21.67 -9.24 -7.50
N LYS D 190 20.69 -8.80 -6.69
CA LYS D 190 19.62 -9.71 -6.24
C LYS D 190 18.62 -9.89 -7.34
N VAL D 191 18.25 -11.14 -7.53
CA VAL D 191 17.30 -11.55 -8.55
C VAL D 191 16.36 -12.54 -7.90
N CYS D 192 15.07 -12.28 -8.03
CA CYS D 192 14.09 -13.13 -7.44
C CYS D 192 13.46 -14.01 -8.46
N PRO D 193 12.82 -15.13 -8.02
CA PRO D 193 12.01 -15.93 -8.95
C PRO D 193 10.99 -15.05 -9.67
N THR D 194 10.70 -15.42 -10.90
CA THR D 194 9.81 -14.68 -11.78
C THR D 194 8.41 -14.53 -11.19
N ILE D 195 7.93 -15.50 -10.39
CA ILE D 195 6.61 -15.40 -9.76
C ILE D 195 6.50 -14.21 -8.79
N CYS D 196 7.65 -13.76 -8.25
CA CYS D 196 7.70 -12.64 -7.32
C CYS D 196 7.51 -11.31 -8.00
N LYS D 197 7.70 -11.25 -9.34
CA LYS D 197 7.57 -10.04 -10.11
C LYS D 197 8.44 -8.95 -9.48
N SER D 198 7.90 -7.75 -9.24
CA SER D 198 8.68 -6.66 -8.65
C SER D 198 8.64 -6.63 -7.14
N HIS D 199 7.91 -7.55 -6.51
CA HIS D 199 7.68 -7.51 -5.07
C HIS D 199 8.88 -7.81 -4.18
N GLY D 200 9.87 -8.49 -4.72
CA GLY D 200 11.02 -8.88 -3.93
C GLY D 200 10.81 -10.22 -3.27
N CYS D 201 11.84 -10.70 -2.60
CA CYS D 201 11.82 -12.00 -1.94
C CYS D 201 12.85 -12.00 -0.83
N THR D 202 12.72 -12.99 0.07
CA THR D 202 13.71 -13.22 1.12
C THR D 202 14.90 -13.97 0.52
N ALA D 203 15.96 -14.14 1.31
CA ALA D 203 17.16 -14.86 0.93
C ALA D 203 16.83 -16.30 0.51
N GLU D 204 15.79 -16.89 1.09
CA GLU D 204 15.41 -18.26 0.76
C GLU D 204 14.56 -18.34 -0.51
N GLY D 205 14.27 -17.20 -1.13
CA GLY D 205 13.51 -17.13 -2.38
C GLY D 205 12.00 -17.03 -2.24
N LEU D 206 11.51 -16.79 -1.02
CA LEU D 206 10.08 -16.67 -0.77
C LEU D 206 9.63 -15.25 -1.05
N CYS D 207 8.56 -15.15 -1.82
CA CYS D 207 8.02 -13.88 -2.24
C CYS D 207 7.56 -12.99 -1.12
N CYS D 208 7.90 -11.73 -1.29
CA CYS D 208 7.37 -10.67 -0.46
C CYS D 208 5.90 -10.54 -0.82
N HIS D 209 5.13 -9.87 0.03
CA HIS D 209 3.75 -9.59 -0.26
C HIS D 209 3.60 -8.76 -1.58
N SER D 210 2.47 -8.96 -2.26
CA SER D 210 2.16 -8.31 -3.54
C SER D 210 2.07 -6.78 -3.44
N GLU D 211 1.94 -6.22 -2.23
CA GLU D 211 1.95 -4.78 -2.05
C GLU D 211 3.36 -4.23 -1.75
N CYS D 212 4.35 -5.13 -1.55
CA CYS D 212 5.75 -4.76 -1.37
C CYS D 212 6.38 -4.41 -2.71
N LEU D 213 7.51 -3.69 -2.65
CA LEU D 213 8.33 -3.35 -3.80
C LEU D 213 9.77 -3.59 -3.46
N GLY D 214 10.42 -4.47 -4.19
CA GLY D 214 11.85 -4.67 -4.06
C GLY D 214 12.37 -5.63 -3.02
N ASN D 215 11.89 -5.52 -1.80
CA ASN D 215 12.42 -6.32 -0.70
C ASN D 215 11.49 -6.24 0.53
N CYS D 216 11.65 -7.19 1.45
CA CYS D 216 10.91 -7.27 2.70
C CYS D 216 11.76 -8.01 3.72
N SER D 217 11.42 -7.87 4.99
CA SER D 217 12.09 -8.60 6.08
C SER D 217 11.48 -9.98 6.26
N GLN D 218 10.18 -10.13 5.90
CA GLN D 218 9.43 -11.39 5.99
C GLN D 218 8.51 -11.57 4.81
N PRO D 219 8.33 -12.83 4.38
CA PRO D 219 7.50 -13.11 3.20
C PRO D 219 6.01 -12.90 3.47
N ASP D 220 5.27 -12.58 2.40
CA ASP D 220 3.82 -12.42 2.42
C ASP D 220 3.25 -11.65 3.67
N ASP D 221 3.85 -10.52 3.98
CA ASP D 221 3.38 -9.65 5.06
C ASP D 221 3.51 -8.19 4.63
N PRO D 222 2.38 -7.47 4.48
CA PRO D 222 2.42 -6.09 3.96
C PRO D 222 2.89 -5.06 4.95
N THR D 223 3.25 -5.50 6.16
CA THR D 223 3.76 -4.61 7.21
C THR D 223 5.27 -4.85 7.35
N LYS D 224 5.84 -5.74 6.52
CA LYS D 224 7.26 -6.09 6.58
C LYS D 224 8.04 -5.73 5.34
N CYS D 225 7.45 -4.85 4.51
CA CYS D 225 8.05 -4.37 3.26
C CYS D 225 9.12 -3.37 3.51
N VAL D 226 10.17 -3.42 2.72
CA VAL D 226 11.19 -2.38 2.75
C VAL D 226 10.61 -1.13 2.07
N ALA D 227 9.82 -1.30 1.01
CA ALA D 227 9.11 -0.23 0.33
C ALA D 227 7.80 -0.75 -0.28
N CYS D 228 6.88 0.15 -0.62
CA CYS D 228 5.55 -0.20 -1.16
C CYS D 228 5.46 -0.09 -2.65
N ARG D 229 4.70 -0.98 -3.26
CA ARG D 229 4.45 -0.94 -4.70
C ARG D 229 3.53 0.21 -5.03
N ASN D 230 2.51 0.38 -4.20
CA ASN D 230 1.53 1.44 -4.45
C ASN D 230 1.64 2.62 -3.42
N PHE D 231 0.93 2.51 -2.30
CA PHE D 231 0.92 3.56 -1.30
C PHE D 231 1.24 3.04 0.10
N TYR D 232 1.69 3.96 0.96
CA TYR D 232 2.05 3.66 2.33
C TYR D 232 1.05 4.29 3.29
N LEU D 233 0.56 3.50 4.26
CA LEU D 233 -0.35 3.99 5.29
C LEU D 233 -0.20 3.21 6.56
N ASP D 234 -0.03 3.93 7.68
CA ASP D 234 -0.07 3.34 9.02
C ASP D 234 0.80 2.09 9.18
N GLY D 235 2.06 2.13 8.70
CA GLY D 235 3.02 1.02 8.75
C GLY D 235 2.71 -0.16 7.85
N ARG D 236 1.94 0.08 6.79
CA ARG D 236 1.47 -0.97 5.91
C ARG D 236 1.46 -0.51 4.46
N CYS D 237 1.71 -1.42 3.54
CA CYS D 237 1.62 -1.12 2.13
C CYS D 237 0.22 -1.46 1.65
N VAL D 238 -0.46 -0.46 1.05
CA VAL D 238 -1.82 -0.57 0.51
C VAL D 238 -1.93 -0.26 -0.97
N GLU D 239 -2.91 -0.89 -1.61
CA GLU D 239 -3.16 -0.73 -3.03
C GLU D 239 -3.63 0.69 -3.38
N THR D 240 -4.56 1.22 -2.60
CA THR D 240 -5.04 2.57 -2.82
C THR D 240 -5.23 3.15 -1.48
N CYS D 241 -5.29 4.50 -1.39
CA CYS D 241 -5.64 5.18 -0.14
C CYS D 241 -7.12 5.14 -0.06
N PRO D 242 -7.70 4.54 0.96
CA PRO D 242 -9.16 4.55 1.00
C PRO D 242 -9.65 5.87 1.59
N PRO D 243 -10.90 6.28 1.25
CA PRO D 243 -11.50 7.42 1.93
C PRO D 243 -11.51 7.13 3.45
N PRO D 244 -11.24 8.12 4.31
CA PRO D 244 -11.13 9.52 3.97
C PRO D 244 -9.70 10.01 3.81
N TYR D 245 -8.77 9.15 3.38
CA TYR D 245 -7.37 9.55 3.16
C TYR D 245 -7.12 9.97 1.72
N TYR D 246 -6.10 10.74 1.51
CA TYR D 246 -5.78 11.25 0.21
C TYR D 246 -4.41 10.79 -0.22
N HIS D 247 -4.24 10.60 -1.53
CA HIS D 247 -2.98 10.24 -2.11
C HIS D 247 -2.09 11.45 -2.11
N PHE D 248 -0.89 11.33 -1.54
CA PHE D 248 0.08 12.42 -1.44
C PHE D 248 1.44 12.04 -2.03
N GLN D 249 1.97 12.92 -2.88
CA GLN D 249 3.27 12.73 -3.51
C GLN D 249 3.41 11.38 -4.22
N ASP D 250 2.28 10.83 -4.66
CA ASP D 250 2.17 9.57 -5.35
C ASP D 250 2.81 8.35 -4.62
N TRP D 251 2.89 8.37 -3.28
CA TRP D 251 3.44 7.24 -2.50
C TRP D 251 2.88 7.06 -1.09
N ARG D 252 2.29 8.12 -0.51
CA ARG D 252 1.72 7.96 0.82
C ARG D 252 0.30 8.52 0.96
N CYS D 253 -0.40 7.99 1.98
CA CYS D 253 -1.77 8.38 2.32
C CYS D 253 -1.74 9.33 3.45
N VAL D 254 -2.50 10.41 3.31
CA VAL D 254 -2.55 11.44 4.34
C VAL D 254 -4.02 11.82 4.59
N ASN D 255 -4.30 12.38 5.76
CA ASN D 255 -5.65 12.80 6.10
C ASN D 255 -5.87 14.28 5.74
N PHE D 256 -7.13 14.71 5.82
CA PHE D 256 -7.56 16.07 5.50
C PHE D 256 -6.75 17.13 6.25
N SER D 257 -6.52 16.85 7.52
CA SER D 257 -5.87 17.77 8.44
C SER D 257 -4.44 18.07 8.01
N PHE D 258 -3.75 17.06 7.53
CA PHE D 258 -2.40 17.17 7.02
C PHE D 258 -2.36 18.06 5.79
N CYS D 259 -3.26 17.81 4.82
CA CYS D 259 -3.38 18.61 3.63
C CYS D 259 -3.74 20.05 4.01
N GLN D 260 -4.59 20.20 5.01
CA GLN D 260 -5.01 21.51 5.50
C GLN D 260 -3.83 22.26 6.11
N ASP D 261 -3.00 21.57 6.90
CA ASP D 261 -1.84 22.17 7.54
C ASP D 261 -0.85 22.67 6.52
N LEU D 262 -0.61 21.91 5.46
CA LEU D 262 0.26 22.36 4.35
C LEU D 262 -0.29 23.63 3.71
N HIS D 263 -1.60 23.62 3.39
CA HIS D 263 -2.30 24.77 2.80
C HIS D 263 -2.09 26.06 3.59
N HIS D 264 -2.22 25.99 4.92
CA HIS D 264 -2.09 27.12 5.82
C HIS D 264 -0.60 27.34 6.22
N LYS D 265 0.24 27.37 5.15
CA LYS D 265 1.72 27.44 5.02
C LYS D 265 2.42 26.90 6.26
N TYR D 277 -1.88 23.88 -0.83
CA TYR D 277 -2.36 22.55 -1.23
C TYR D 277 -3.89 22.44 -1.29
N VAL D 278 -4.40 21.63 -2.24
CA VAL D 278 -5.83 21.43 -2.47
C VAL D 278 -6.18 19.96 -2.61
N ILE D 279 -7.49 19.65 -2.58
CA ILE D 279 -7.96 18.28 -2.81
C ILE D 279 -8.58 18.19 -4.18
N HIS D 280 -8.18 17.19 -4.94
CA HIS D 280 -8.76 16.90 -6.25
C HIS D 280 -8.58 15.42 -6.61
N ASN D 281 -9.65 14.75 -7.06
CA ASN D 281 -9.61 13.32 -7.42
C ASN D 281 -8.91 12.45 -6.38
N ASN D 282 -9.24 12.62 -5.07
CA ASN D 282 -8.69 11.85 -3.96
C ASN D 282 -7.18 12.04 -3.77
N LYS D 283 -6.65 13.17 -4.24
CA LYS D 283 -5.26 13.51 -4.11
C LYS D 283 -5.13 14.85 -3.39
N CYS D 284 -4.08 14.99 -2.58
CA CYS D 284 -3.71 16.26 -1.99
C CYS D 284 -2.59 16.78 -2.89
N ILE D 285 -2.91 17.86 -3.65
CA ILE D 285 -1.99 18.39 -4.66
C ILE D 285 -1.68 19.89 -4.51
N PRO D 286 -0.53 20.31 -5.11
CA PRO D 286 -0.08 21.70 -4.99
C PRO D 286 -1.06 22.73 -5.48
N GLU D 287 -1.75 22.47 -6.60
CA GLU D 287 -2.70 23.45 -7.12
C GLU D 287 -3.84 22.80 -7.90
N CYS D 288 -4.95 23.56 -8.03
CA CYS D 288 -6.10 23.11 -8.80
C CYS D 288 -5.71 23.01 -10.25
N PRO D 289 -6.14 21.94 -10.94
CA PRO D 289 -5.86 21.83 -12.37
C PRO D 289 -6.65 22.88 -13.15
N SER D 290 -6.37 22.96 -14.46
CA SER D 290 -7.02 23.88 -15.38
C SER D 290 -8.53 23.63 -15.39
N GLY D 291 -9.30 24.71 -15.28
CA GLY D 291 -10.75 24.66 -15.28
C GLY D 291 -11.39 24.55 -13.90
N TYR D 292 -10.55 24.51 -12.86
CA TYR D 292 -10.99 24.35 -11.47
C TYR D 292 -10.50 25.47 -10.60
N THR D 293 -11.20 25.70 -9.50
CA THR D 293 -10.85 26.69 -8.47
C THR D 293 -11.18 26.10 -7.14
N MET D 294 -10.61 26.67 -6.09
CA MET D 294 -10.76 26.06 -4.80
C MET D 294 -11.85 26.64 -3.90
N ASN D 295 -12.86 25.79 -3.68
CA ASN D 295 -13.93 25.95 -2.70
C ASN D 295 -13.20 25.96 -1.34
N SER D 296 -13.35 27.02 -0.55
CA SER D 296 -12.59 27.16 0.68
C SER D 296 -13.15 26.44 1.93
N LEU D 299 -11.34 22.49 1.07
CA LEU D 299 -10.11 22.57 0.26
C LEU D 299 -10.28 21.90 -1.09
N LEU D 300 -11.53 21.73 -1.48
CA LEU D 300 -11.89 20.96 -2.65
C LEU D 300 -11.96 21.71 -3.94
N CYS D 301 -11.19 21.24 -4.96
CA CYS D 301 -11.27 21.82 -6.30
C CYS D 301 -12.64 21.55 -6.91
N THR D 302 -13.33 22.61 -7.36
CA THR D 302 -14.62 22.55 -8.04
C THR D 302 -14.48 23.24 -9.40
N PRO D 303 -15.19 22.73 -10.42
CA PRO D 303 -15.07 23.32 -11.77
C PRO D 303 -15.57 24.76 -11.83
#